data_6SHC
#
_entry.id   6SHC
#
_cell.length_a   182.772
_cell.length_b   182.772
_cell.length_c   68.449
_cell.angle_alpha   90.000
_cell.angle_beta   90.000
_cell.angle_gamma   120.000
#
_symmetry.space_group_name_H-M   'P 65 2 2'
#
_entity_poly.entity_id   1
_entity_poly.type   'polypeptide(L)'
_entity_poly.pdbx_seq_one_letter_code
;STVTLPETLLFVSTLDGSLHAVSKRTGSIKWTLKEDPVLQVPTHVEEPAFLPDPNDGSLYTLGSKNNEGLTKLPFTIPEL
VCASPSRSSDGILYMGKKQDIWYVIDLLTGEKQQTLSSAFADSLSPSTSLLYLGRTEYTITMYDTKTRELRWNATYFDYA
ASLPEDDVDYKMSHFVSNGDGLVVTVDSESGDVLWIQNYASPVVAFYVWQREGLRKVMHINVAVETLRYLTFMSGEVGRI
TKWKYPFPKETEAKSKLTPTLYVGKYSTSLYASPSMVHEGVAVVPRGSTLPLLEGPQTDGVTIGDKGESVITPSTDVKFD
PGLKSKNKLNYLRNYWLLIGHHETPLSASTKMLERFPNNLPKHRENV
;
_entity_poly.pdbx_strand_id   A
#
# COMPACT_ATOMS: atom_id res chain seq x y z
N PRO A 6 -21.59 10.11 0.33
CA PRO A 6 -20.66 8.98 0.36
C PRO A 6 -20.01 8.74 -0.98
N GLU A 7 -20.72 9.04 -2.07
CA GLU A 7 -20.11 9.02 -3.40
C GLU A 7 -19.07 10.11 -3.54
N THR A 8 -19.20 11.20 -2.76
CA THR A 8 -18.21 12.27 -2.76
C THR A 8 -16.96 11.90 -1.99
N LEU A 9 -17.09 11.10 -0.93
CA LEU A 9 -15.98 10.78 -0.07
C LEU A 9 -15.04 9.77 -0.73
N LEU A 10 -13.86 9.62 -0.13
CA LEU A 10 -12.84 8.72 -0.63
C LEU A 10 -12.19 8.01 0.55
N PHE A 11 -12.10 6.69 0.48
CA PHE A 11 -11.51 5.90 1.55
C PHE A 11 -10.02 5.70 1.31
N VAL A 12 -9.24 5.79 2.39
CA VAL A 12 -7.79 5.69 2.32
C VAL A 12 -7.31 4.74 3.40
N SER A 13 -6.52 3.74 3.01
CA SER A 13 -6.03 2.71 3.91
C SER A 13 -4.54 2.90 4.16
N THR A 14 -4.13 2.72 5.41
CA THR A 14 -2.75 2.98 5.83
C THR A 14 -2.18 1.75 6.54
N LEU A 15 -0.86 1.79 6.78
CA LEU A 15 -0.14 0.63 7.29
C LEU A 15 -0.51 0.33 8.75
N ASP A 16 -0.89 1.35 9.52
CA ASP A 16 -1.27 1.14 10.91
C ASP A 16 -2.75 0.81 11.09
N GLY A 17 -3.44 0.46 10.00
CA GLY A 17 -4.85 0.14 10.08
C GLY A 17 -5.74 1.33 10.35
N SER A 18 -5.43 2.48 9.75
CA SER A 18 -6.24 3.69 9.88
C SER A 18 -6.88 3.98 8.52
N LEU A 19 -8.11 3.49 8.35
CA LEU A 19 -8.89 3.81 7.16
C LEU A 19 -9.50 5.20 7.35
N HIS A 20 -9.10 6.13 6.49
CA HIS A 20 -9.56 7.51 6.56
C HIS A 20 -10.55 7.78 5.45
N ALA A 21 -11.71 8.35 5.80
CA ALA A 21 -12.69 8.80 4.83
C ALA A 21 -12.40 10.26 4.51
N VAL A 22 -11.78 10.49 3.35
CA VAL A 22 -11.29 11.80 2.96
C VAL A 22 -12.18 12.34 1.84
N SER A 23 -12.54 13.62 1.95
CA SER A 23 -13.20 14.30 0.84
C SER A 23 -12.18 14.51 -0.28
N LYS A 24 -12.51 14.00 -1.48
CA LYS A 24 -11.56 14.00 -2.57
C LYS A 24 -11.12 15.43 -2.92
N ARG A 25 -12.07 16.34 -3.07
CA ARG A 25 -11.73 17.72 -3.42
C ARG A 25 -10.85 18.37 -2.36
N THR A 26 -11.32 18.35 -1.10
CA THR A 26 -10.55 18.98 -0.02
C THR A 26 -9.25 18.24 0.24
N GLY A 27 -9.30 16.92 0.35
CA GLY A 27 -8.15 16.15 0.76
C GLY A 27 -8.02 15.96 2.24
N SER A 28 -8.90 16.57 3.03
CA SER A 28 -8.89 16.43 4.47
C SER A 28 -9.79 15.25 4.90
N ILE A 29 -9.68 14.87 6.16
CA ILE A 29 -10.31 13.66 6.69
C ILE A 29 -11.67 14.03 7.29
N LYS A 30 -12.70 13.28 6.91
CA LYS A 30 -14.03 13.44 7.48
C LYS A 30 -14.23 12.55 8.71
N TRP A 31 -13.83 11.28 8.62
CA TRP A 31 -13.80 10.39 9.77
C TRP A 31 -12.82 9.27 9.48
N THR A 32 -12.44 8.55 10.53
CA THR A 32 -11.43 7.52 10.43
C THR A 32 -11.85 6.28 11.20
N LEU A 33 -11.37 5.13 10.73
CA LEU A 33 -11.62 3.83 11.35
C LEU A 33 -10.27 3.18 11.65
N LYS A 34 -9.96 3.02 12.93
CA LYS A 34 -8.70 2.45 13.37
C LYS A 34 -8.93 1.00 13.75
N GLU A 35 -8.25 0.08 13.06
CA GLU A 35 -8.42 -1.34 13.29
C GLU A 35 -7.07 -2.04 13.10
N ASP A 36 -7.12 -3.37 12.98
CA ASP A 36 -5.91 -4.17 12.94
C ASP A 36 -5.05 -3.76 11.75
N PRO A 37 -3.72 -3.73 11.92
CA PRO A 37 -2.85 -3.21 10.86
C PRO A 37 -2.65 -4.20 9.72
N VAL A 38 -2.19 -3.64 8.59
CA VAL A 38 -2.21 -4.36 7.32
C VAL A 38 -1.29 -5.57 7.37
N LEU A 39 -0.02 -5.36 7.66
CA LEU A 39 0.98 -6.42 7.66
C LEU A 39 1.54 -6.60 9.06
N GLN A 40 1.45 -7.83 9.58
CA GLN A 40 2.05 -8.20 10.86
C GLN A 40 2.81 -9.50 10.63
N VAL A 41 4.15 -9.42 10.64
CA VAL A 41 4.97 -10.57 10.27
C VAL A 41 6.00 -10.82 11.38
N PRO A 42 5.65 -11.54 12.44
CA PRO A 42 6.63 -11.79 13.51
C PRO A 42 7.64 -12.87 13.20
N THR A 43 7.40 -13.71 12.20
CA THR A 43 8.38 -14.74 11.85
C THR A 43 9.64 -14.13 11.27
N HIS A 44 9.51 -12.98 10.60
CA HIS A 44 10.68 -12.28 10.10
C HIS A 44 11.60 -11.87 11.23
N VAL A 45 11.05 -11.73 12.45
CA VAL A 45 11.89 -11.44 13.61
C VAL A 45 12.90 -12.57 13.82
N GLU A 46 12.42 -13.81 13.83
CA GLU A 46 13.30 -14.97 13.97
C GLU A 46 14.20 -15.09 12.76
N GLU A 47 13.64 -15.45 11.61
CA GLU A 47 14.37 -15.51 10.35
C GLU A 47 13.60 -14.70 9.31
N PRO A 48 14.22 -13.68 8.69
CA PRO A 48 13.57 -13.01 7.57
C PRO A 48 13.85 -13.70 6.25
N ALA A 49 12.82 -14.21 5.59
CA ALA A 49 12.99 -14.88 4.31
C ALA A 49 12.06 -14.31 3.25
N PHE A 50 10.76 -14.24 3.57
CA PHE A 50 9.77 -13.69 2.67
C PHE A 50 9.44 -12.25 3.06
N LEU A 51 9.20 -11.41 2.07
CA LEU A 51 8.95 -9.98 2.27
C LEU A 51 7.59 -9.62 1.71
N PRO A 52 6.59 -9.36 2.54
CA PRO A 52 5.26 -9.04 2.02
C PRO A 52 5.17 -7.61 1.49
N ASP A 53 4.10 -7.37 0.74
CA ASP A 53 3.85 -6.07 0.12
C ASP A 53 2.43 -5.65 0.46
N PRO A 54 2.23 -4.57 1.22
CA PRO A 54 0.87 -4.19 1.62
C PRO A 54 -0.01 -3.71 0.47
N ASN A 55 0.57 -3.25 -0.64
CA ASN A 55 -0.22 -2.63 -1.70
C ASN A 55 -1.29 -3.59 -2.22
N ASP A 56 -0.92 -4.84 -2.46
CA ASP A 56 -1.91 -5.84 -2.87
C ASP A 56 -1.77 -7.12 -2.06
N GLY A 57 -0.54 -7.47 -1.68
CA GLY A 57 -0.33 -8.65 -0.86
C GLY A 57 0.75 -9.56 -1.37
N SER A 58 1.56 -9.06 -2.31
CA SER A 58 2.60 -9.88 -2.91
C SER A 58 3.73 -10.15 -1.92
N LEU A 59 4.60 -11.10 -2.28
CA LEU A 59 5.69 -11.54 -1.42
C LEU A 59 7.00 -11.55 -2.19
N TYR A 60 8.06 -11.11 -1.53
CA TYR A 60 9.41 -11.08 -2.07
C TYR A 60 10.33 -11.86 -1.15
N THR A 61 11.45 -12.33 -1.70
CA THR A 61 12.39 -13.18 -0.97
C THR A 61 13.77 -12.55 -0.96
N LEU A 62 14.39 -12.47 0.21
CA LEU A 62 15.76 -11.99 0.32
C LEU A 62 16.72 -13.15 0.53
N GLU A 68 20.35 -17.05 -2.68
CA GLU A 68 19.12 -16.38 -2.27
C GLU A 68 19.30 -14.87 -2.23
N GLY A 69 18.57 -14.17 -3.11
CA GLY A 69 18.61 -12.72 -3.16
C GLY A 69 17.23 -12.14 -3.39
N LEU A 70 17.15 -10.82 -3.33
CA LEU A 70 15.86 -10.13 -3.41
C LEU A 70 15.20 -10.38 -4.76
N THR A 71 13.96 -10.87 -4.73
CA THR A 71 13.17 -11.11 -5.94
C THR A 71 11.72 -11.36 -5.55
N LYS A 72 10.85 -11.36 -6.57
CA LYS A 72 9.41 -11.51 -6.39
C LYS A 72 8.97 -12.95 -6.62
N LEU A 73 7.97 -13.39 -5.85
CA LEU A 73 7.37 -14.72 -5.92
C LEU A 73 6.13 -14.70 -6.79
N PRO A 74 5.73 -15.86 -7.34
CA PRO A 74 4.58 -15.88 -8.26
C PRO A 74 3.23 -15.72 -7.58
N PHE A 75 3.17 -15.81 -6.25
CA PHE A 75 1.91 -15.92 -5.54
C PHE A 75 1.84 -14.89 -4.42
N THR A 76 0.63 -14.38 -4.18
CA THR A 76 0.40 -13.48 -3.07
C THR A 76 0.13 -14.28 -1.80
N ILE A 77 0.08 -13.58 -0.67
CA ILE A 77 -0.36 -14.21 0.57
C ILE A 77 -1.81 -14.65 0.51
N PRO A 78 -2.75 -13.85 -0.01
CA PRO A 78 -4.11 -14.39 -0.19
C PRO A 78 -4.17 -15.62 -1.08
N GLU A 79 -3.53 -15.56 -2.27
CA GLU A 79 -3.51 -16.72 -3.16
C GLU A 79 -2.88 -17.93 -2.48
N LEU A 80 -1.85 -17.70 -1.66
CA LEU A 80 -1.21 -18.80 -0.96
C LEU A 80 -2.08 -19.32 0.19
N VAL A 81 -2.93 -18.46 0.74
CA VAL A 81 -3.80 -18.89 1.84
C VAL A 81 -4.93 -19.76 1.32
N CYS A 82 -5.62 -19.30 0.26
CA CYS A 82 -6.73 -20.06 -0.29
C CYS A 82 -6.27 -21.42 -0.80
N ALA A 83 -5.15 -21.46 -1.53
CA ALA A 83 -4.63 -22.71 -2.06
C ALA A 83 -4.23 -23.66 -0.93
N SER A 84 -3.59 -23.13 0.12
CA SER A 84 -3.23 -23.94 1.26
C SER A 84 -4.46 -24.62 1.85
N PRO A 85 -4.31 -25.82 2.44
CA PRO A 85 -3.08 -26.53 2.76
C PRO A 85 -2.43 -27.26 1.59
N SER A 86 -1.12 -27.45 1.69
CA SER A 86 -0.32 -28.12 0.67
C SER A 86 0.99 -28.57 1.30
N ARG A 87 1.84 -29.19 0.48
CA ARG A 87 3.16 -29.62 0.91
C ARG A 87 4.15 -29.36 -0.22
N SER A 88 5.30 -28.80 0.12
CA SER A 88 6.31 -28.46 -0.86
C SER A 88 7.21 -29.66 -1.15
N SER A 89 8.06 -29.52 -2.17
CA SER A 89 9.12 -30.50 -2.39
C SER A 89 10.00 -30.61 -1.18
N ASP A 90 10.50 -29.47 -0.68
CA ASP A 90 11.09 -29.42 0.64
C ASP A 90 10.03 -29.74 1.68
N GLY A 91 10.48 -30.27 2.83
CA GLY A 91 9.55 -30.83 3.80
C GLY A 91 8.48 -29.85 4.27
N ILE A 92 8.75 -28.55 4.18
CA ILE A 92 7.89 -27.53 4.77
C ILE A 92 6.49 -27.65 4.17
N LEU A 93 5.49 -27.53 5.04
CA LEU A 93 4.09 -27.57 4.65
C LEU A 93 3.43 -26.24 5.00
N TYR A 94 2.43 -25.86 4.20
CA TYR A 94 1.78 -24.57 4.32
C TYR A 94 0.40 -24.72 4.95
N MET A 95 0.01 -23.74 5.76
CA MET A 95 -1.26 -23.78 6.48
C MET A 95 -1.77 -22.34 6.64
N GLY A 96 -2.95 -22.07 6.09
CA GLY A 96 -3.50 -20.73 6.07
C GLY A 96 -4.83 -20.62 6.78
N LYS A 97 -5.26 -19.37 6.97
CA LYS A 97 -6.50 -19.03 7.64
C LYS A 97 -6.97 -17.70 7.08
N LYS A 98 -8.29 -17.59 6.81
CA LYS A 98 -8.83 -16.44 6.08
C LYS A 98 -10.22 -16.10 6.64
N GLN A 99 -10.24 -15.37 7.75
CA GLN A 99 -11.50 -14.91 8.32
C GLN A 99 -12.00 -13.67 7.58
N ASP A 100 -13.32 -13.45 7.63
CA ASP A 100 -13.97 -12.34 6.94
C ASP A 100 -14.77 -11.53 7.94
N ILE A 101 -14.31 -10.31 8.23
CA ILE A 101 -15.01 -9.41 9.13
C ILE A 101 -15.62 -8.28 8.31
N TRP A 102 -16.76 -7.78 8.79
CA TRP A 102 -17.45 -6.66 8.17
C TRP A 102 -17.65 -5.55 9.19
N TYR A 103 -17.88 -4.34 8.69
CA TYR A 103 -18.08 -3.17 9.53
C TYR A 103 -19.16 -2.29 8.93
N VAL A 104 -20.02 -1.76 9.80
CA VAL A 104 -21.10 -0.84 9.41
C VAL A 104 -21.07 0.34 10.36
N ILE A 105 -20.95 1.55 9.81
CA ILE A 105 -21.03 2.78 10.58
C ILE A 105 -21.81 3.79 9.76
N ASP A 106 -22.70 4.53 10.42
CA ASP A 106 -23.50 5.53 9.72
C ASP A 106 -22.60 6.59 9.10
N LEU A 107 -22.95 7.02 7.88
CA LEU A 107 -22.23 8.11 7.25
C LEU A 107 -22.21 9.35 8.15
N LEU A 108 -23.28 9.57 8.90
CA LEU A 108 -23.28 10.65 9.89
C LEU A 108 -22.29 10.36 11.01
N THR A 109 -22.27 9.12 11.49
CA THR A 109 -21.37 8.75 12.58
C THR A 109 -19.97 8.42 12.06
N SER A 125 -31.76 -1.12 15.90
CA SER A 125 -32.01 -0.71 14.52
C SER A 125 -31.50 0.70 14.25
N PRO A 126 -30.19 0.86 14.15
CA PRO A 126 -29.62 2.19 13.92
C PRO A 126 -29.88 2.68 12.50
N SER A 127 -29.45 3.91 12.25
CA SER A 127 -29.78 4.68 11.04
C SER A 127 -29.59 3.85 9.78
N THR A 128 -30.58 3.92 8.89
CA THR A 128 -30.58 3.15 7.65
C THR A 128 -29.79 3.87 6.58
N SER A 129 -29.64 3.21 5.43
CA SER A 129 -28.83 3.71 4.31
C SER A 129 -27.42 4.07 4.79
N LEU A 130 -26.81 3.14 5.52
CA LEU A 130 -25.45 3.32 6.02
C LEU A 130 -24.48 2.68 5.04
N LEU A 131 -23.21 2.58 5.43
CA LEU A 131 -22.17 2.02 4.56
C LEU A 131 -21.61 0.76 5.22
N TYR A 132 -21.68 -0.35 4.50
CA TYR A 132 -21.22 -1.64 4.99
C TYR A 132 -19.89 -1.99 4.32
N LEU A 133 -18.83 -2.04 5.12
CA LEU A 133 -17.47 -2.26 4.62
C LEU A 133 -16.96 -3.62 5.10
N GLY A 134 -16.43 -4.40 4.17
CA GLY A 134 -15.90 -5.72 4.51
C GLY A 134 -14.41 -5.88 4.22
N ARG A 135 -13.69 -6.52 5.14
CA ARG A 135 -12.25 -6.75 5.00
C ARG A 135 -11.94 -8.21 5.32
N THR A 136 -10.66 -8.55 5.27
CA THR A 136 -10.23 -9.94 5.40
C THR A 136 -9.03 -10.02 6.34
N GLU A 137 -8.87 -11.18 6.98
CA GLU A 137 -7.70 -11.50 7.78
C GLU A 137 -7.03 -12.73 7.17
N TYR A 138 -6.18 -12.50 6.17
CA TYR A 138 -5.35 -13.58 5.66
C TYR A 138 -4.22 -13.86 6.65
N THR A 139 -3.93 -15.15 6.87
CA THR A 139 -2.94 -15.54 7.87
C THR A 139 -2.28 -16.84 7.41
N ILE A 140 -1.05 -16.73 6.91
CA ILE A 140 -0.31 -17.86 6.38
C ILE A 140 0.78 -18.27 7.36
N THR A 141 1.15 -19.54 7.32
CA THR A 141 2.14 -20.10 8.24
C THR A 141 2.88 -21.23 7.53
N MET A 142 4.19 -21.30 7.74
CA MET A 142 5.03 -22.33 7.13
C MET A 142 5.83 -23.02 8.22
N TYR A 143 5.76 -24.36 8.25
CA TYR A 143 6.49 -25.18 9.20
C TYR A 143 7.33 -26.19 8.43
N ASP A 144 8.64 -26.15 8.63
CA ASP A 144 9.56 -27.04 7.92
C ASP A 144 9.52 -28.43 8.55
N THR A 145 9.16 -29.44 7.75
CA THR A 145 9.14 -30.82 8.25
C THR A 145 10.54 -31.25 8.68
N LYS A 146 11.56 -30.88 7.91
CA LYS A 146 12.94 -31.18 8.29
C LYS A 146 13.26 -30.59 9.65
N THR A 147 12.86 -29.34 9.87
CA THR A 147 13.09 -28.70 11.16
C THR A 147 12.02 -29.14 12.17
N ARG A 148 12.23 -28.75 13.42
CA ARG A 148 11.28 -29.00 14.49
C ARG A 148 10.50 -27.74 14.87
N GLU A 149 10.54 -26.71 14.02
CA GLU A 149 9.93 -25.43 14.35
C GLU A 149 9.36 -24.81 13.09
N LEU A 150 8.40 -23.90 13.29
CA LEU A 150 7.81 -23.16 12.19
C LEU A 150 8.85 -22.25 11.54
N ARG A 151 8.84 -22.21 10.21
CA ARG A 151 9.85 -21.49 9.46
C ARG A 151 9.39 -20.13 8.97
N TRP A 152 8.09 -19.85 8.98
CA TRP A 152 7.60 -18.53 8.61
C TRP A 152 6.15 -18.40 9.08
N ASN A 153 5.65 -17.15 9.06
CA ASN A 153 4.35 -16.79 9.59
C ASN A 153 4.12 -15.31 9.28
N ALA A 154 2.88 -14.98 8.91
CA ALA A 154 2.51 -13.61 8.60
C ALA A 154 1.00 -13.49 8.65
N THR A 155 0.52 -12.26 8.84
CA THR A 155 -0.91 -11.95 8.91
C THR A 155 -1.16 -10.69 8.10
N TYR A 156 -1.87 -10.83 6.99
CA TYR A 156 -2.09 -9.75 6.03
C TYR A 156 -3.57 -9.46 5.93
N PHE A 157 -3.96 -8.20 6.14
CA PHE A 157 -5.33 -7.74 5.98
C PHE A 157 -5.52 -7.08 4.62
N ASP A 158 -6.78 -6.97 4.21
CA ASP A 158 -7.12 -6.32 2.95
C ASP A 158 -8.62 -6.07 2.92
N TYR A 159 -9.02 -4.91 2.41
CA TYR A 159 -10.43 -4.57 2.28
C TYR A 159 -11.00 -5.16 0.99
N ALA A 160 -12.17 -5.77 1.11
CA ALA A 160 -12.84 -6.39 -0.04
C ALA A 160 -13.39 -5.31 -0.95
N ALA A 161 -12.85 -5.22 -2.17
CA ALA A 161 -13.24 -4.18 -3.11
C ALA A 161 -13.02 -4.69 -4.52
N SER A 162 -13.72 -4.07 -5.46
CA SER A 162 -13.65 -4.46 -6.86
C SER A 162 -12.34 -3.97 -7.49
N LEU A 163 -12.12 -4.38 -8.74
CA LEU A 163 -10.90 -4.09 -9.46
C LEU A 163 -10.92 -2.66 -10.00
N PRO A 164 -9.75 -2.09 -10.29
CA PRO A 164 -9.71 -0.75 -10.89
C PRO A 164 -9.91 -0.79 -12.39
N GLU A 165 -10.68 0.17 -12.89
CA GLU A 165 -10.88 0.38 -14.32
C GLU A 165 -10.54 1.81 -14.67
N ASP A 166 -10.17 2.05 -15.93
CA ASP A 166 -9.77 3.37 -16.39
C ASP A 166 -11.01 4.22 -16.70
N ASP A 167 -11.74 4.54 -15.65
CA ASP A 167 -12.98 5.30 -15.79
C ASP A 167 -12.70 6.74 -16.19
N VAL A 168 -13.46 7.24 -17.17
CA VAL A 168 -13.31 8.63 -17.59
C VAL A 168 -13.91 9.58 -16.57
N ASP A 169 -14.89 9.11 -15.78
CA ASP A 169 -15.51 9.98 -14.77
C ASP A 169 -14.47 10.48 -13.77
N TYR A 170 -13.46 9.66 -13.48
CA TYR A 170 -12.43 10.01 -12.53
C TYR A 170 -11.47 11.03 -13.16
N LYS A 171 -11.19 12.11 -12.43
CA LYS A 171 -10.32 13.17 -12.93
C LYS A 171 -9.16 13.44 -11.99
N MET A 172 -8.67 12.39 -11.33
CA MET A 172 -7.58 12.52 -10.37
C MET A 172 -6.61 11.36 -10.54
N SER A 173 -5.44 11.51 -9.91
CA SER A 173 -4.47 10.43 -9.76
C SER A 173 -3.74 10.65 -8.44
N HIS A 174 -2.94 9.66 -8.04
CA HIS A 174 -2.40 9.67 -6.69
C HIS A 174 -0.94 9.25 -6.67
N PHE A 175 -0.13 10.01 -5.95
CA PHE A 175 1.27 9.70 -5.67
C PHE A 175 1.43 9.53 -4.15
N VAL A 176 1.98 8.40 -3.73
CA VAL A 176 2.13 8.10 -2.30
C VAL A 176 3.58 7.78 -2.00
N SER A 177 4.10 8.34 -0.92
CA SER A 177 5.46 8.06 -0.49
C SER A 177 5.53 6.70 0.17
N ASN A 178 6.67 6.02 -0.03
CA ASN A 178 6.92 4.73 0.60
C ASN A 178 7.76 4.95 1.86
N GLY A 179 7.24 4.48 2.99
CA GLY A 179 7.89 4.71 4.26
C GLY A 179 7.52 5.99 4.96
N ASP A 180 6.57 6.75 4.41
CA ASP A 180 6.08 7.97 5.01
C ASP A 180 4.66 8.22 4.54
N GLY A 181 3.86 8.86 5.39
CA GLY A 181 2.46 9.07 5.08
C GLY A 181 2.18 10.36 4.37
N LEU A 182 2.77 10.57 3.20
CA LEU A 182 2.55 11.77 2.41
C LEU A 182 1.79 11.38 1.15
N VAL A 183 0.73 12.13 0.86
CA VAL A 183 -0.13 11.87 -0.28
C VAL A 183 -0.20 13.13 -1.13
N VAL A 184 -0.07 12.97 -2.44
CA VAL A 184 -0.12 14.07 -3.39
C VAL A 184 -1.21 13.73 -4.40
N THR A 185 -2.37 14.35 -4.26
CA THR A 185 -3.47 14.17 -5.21
C THR A 185 -3.34 15.17 -6.34
N VAL A 186 -3.66 14.73 -7.55
CA VAL A 186 -3.20 15.37 -8.77
C VAL A 186 -4.23 15.16 -9.88
N ASP A 187 -4.56 16.23 -10.60
CA ASP A 187 -5.55 16.13 -11.66
C ASP A 187 -5.08 15.13 -12.72
N SER A 188 -6.00 14.26 -13.14
CA SER A 188 -5.64 13.12 -13.97
C SER A 188 -5.00 13.55 -15.28
N GLU A 189 -5.63 14.51 -15.98
CA GLU A 189 -5.15 14.92 -17.29
C GLU A 189 -3.94 15.84 -17.18
N SER A 190 -4.12 17.04 -16.61
CA SER A 190 -3.07 18.03 -16.62
C SER A 190 -1.91 17.64 -15.71
N GLY A 191 -2.21 17.06 -14.55
CA GLY A 191 -1.21 16.80 -13.54
C GLY A 191 -1.11 17.87 -12.48
N ASP A 192 -1.83 18.99 -12.65
CA ASP A 192 -1.82 20.07 -11.67
C ASP A 192 -2.26 19.55 -10.31
N VAL A 193 -1.52 19.93 -9.27
CA VAL A 193 -1.74 19.38 -7.94
C VAL A 193 -3.11 19.78 -7.44
N LEU A 194 -3.90 18.78 -7.01
CA LEU A 194 -5.16 19.06 -6.35
C LEU A 194 -4.96 19.32 -4.86
N TRP A 195 -4.26 18.42 -4.18
CA TRP A 195 -3.90 18.63 -2.78
C TRP A 195 -2.79 17.67 -2.39
N ILE A 196 -1.80 18.18 -1.67
CA ILE A 196 -0.78 17.37 -1.01
C ILE A 196 -1.16 17.28 0.47
N GLN A 197 -1.10 16.06 1.02
CA GLN A 197 -1.54 15.84 2.39
C GLN A 197 -0.62 14.84 3.07
N ASN A 198 -0.66 14.87 4.40
CA ASN A 198 0.19 14.02 5.23
C ASN A 198 -0.68 13.24 6.20
N TYR A 199 -0.60 11.91 6.12
CA TYR A 199 -1.27 11.03 7.06
C TYR A 199 -0.24 10.37 7.96
N ALA A 200 -0.68 9.97 9.15
CA ALA A 200 0.25 9.47 10.17
C ALA A 200 1.05 8.28 9.67
N SER A 201 0.36 7.26 9.15
CA SER A 201 1.03 6.06 8.68
C SER A 201 0.99 5.98 7.16
N PRO A 202 1.98 5.35 6.53
CA PRO A 202 2.05 5.33 5.06
C PRO A 202 0.83 4.65 4.45
N VAL A 203 0.26 5.29 3.43
CA VAL A 203 -0.93 4.79 2.75
C VAL A 203 -0.58 3.55 1.94
N VAL A 204 -1.55 2.63 1.85
CA VAL A 204 -1.34 1.37 1.16
C VAL A 204 -2.34 1.19 0.02
N ALA A 205 -3.52 1.80 0.14
CA ALA A 205 -4.54 1.59 -0.89
C ALA A 205 -5.61 2.68 -0.80
N PHE A 206 -6.28 2.91 -1.93
CA PHE A 206 -7.36 3.87 -2.07
C PHE A 206 -8.62 3.16 -2.57
N TYR A 207 -9.77 3.54 -2.02
CA TYR A 207 -11.05 2.97 -2.45
C TYR A 207 -12.11 4.06 -2.54
N VAL A 208 -12.83 4.09 -3.67
CA VAL A 208 -13.93 5.02 -3.87
C VAL A 208 -15.22 4.22 -3.98
N TRP A 209 -16.33 4.85 -3.57
CA TRP A 209 -17.63 4.19 -3.50
C TRP A 209 -18.21 4.02 -4.90
N GLN A 210 -18.36 2.78 -5.33
CA GLN A 210 -18.92 2.47 -6.65
C GLN A 210 -19.88 1.30 -6.52
N ARG A 211 -21.07 1.46 -7.13
CA ARG A 211 -22.13 0.45 -7.08
C ARG A 211 -22.47 0.08 -5.64
N GLU A 212 -22.58 1.11 -4.80
CA GLU A 212 -22.87 0.95 -3.37
C GLU A 212 -21.84 0.03 -2.71
N GLY A 213 -20.58 0.24 -3.06
CA GLY A 213 -19.52 -0.60 -2.53
C GLY A 213 -18.17 0.00 -2.86
N LEU A 214 -17.12 -0.70 -2.45
CA LEU A 214 -15.75 -0.22 -2.61
C LEU A 214 -15.18 -0.65 -3.94
N ARG A 215 -14.42 0.25 -4.57
CA ARG A 215 -13.71 -0.02 -5.81
C ARG A 215 -12.30 0.52 -5.68
N LYS A 216 -11.31 -0.35 -5.85
CA LYS A 216 -9.92 0.03 -5.63
C LYS A 216 -9.46 1.03 -6.68
N VAL A 217 -8.62 1.97 -6.25
CA VAL A 217 -8.11 3.05 -7.08
C VAL A 217 -6.61 2.91 -7.21
N MET A 218 -6.13 2.74 -8.44
CA MET A 218 -4.70 2.57 -8.67
C MET A 218 -3.95 3.86 -8.37
N HIS A 219 -2.83 3.73 -7.66
CA HIS A 219 -1.98 4.86 -7.32
C HIS A 219 -0.55 4.53 -7.74
N ILE A 220 0.35 5.50 -7.55
CA ILE A 220 1.74 5.39 -7.99
C ILE A 220 2.64 5.57 -6.78
N ASN A 221 3.35 4.52 -6.40
CA ASN A 221 4.30 4.61 -5.29
C ASN A 221 5.57 5.31 -5.79
N VAL A 222 6.03 6.30 -5.03
CA VAL A 222 7.25 7.06 -5.32
C VAL A 222 8.04 7.20 -4.03
N ALA A 223 9.37 7.34 -4.15
CA ALA A 223 10.21 7.47 -2.97
C ALA A 223 9.86 8.73 -2.21
N VAL A 224 9.87 8.62 -0.87
CA VAL A 224 9.55 9.76 -0.02
C VAL A 224 10.49 10.92 -0.30
N GLU A 225 11.79 10.63 -0.33
CA GLU A 225 12.78 11.66 -0.69
C GLU A 225 12.40 12.31 -2.01
N THR A 226 12.21 11.48 -3.04
CA THR A 226 11.83 11.99 -4.35
C THR A 226 10.52 12.75 -4.30
N LEU A 227 9.51 12.17 -3.64
CA LEU A 227 8.20 12.81 -3.58
C LEU A 227 8.29 14.17 -2.90
N ARG A 228 9.00 14.24 -1.77
CA ARG A 228 9.21 15.53 -1.11
C ARG A 228 9.94 16.49 -2.05
N TYR A 229 10.97 16.00 -2.74
CA TYR A 229 11.69 16.82 -3.70
C TYR A 229 10.78 17.39 -4.78
N LEU A 230 9.87 16.57 -5.32
CA LEU A 230 8.89 17.05 -6.27
C LEU A 230 7.96 18.10 -5.66
N THR A 231 7.51 17.86 -4.43
CA THR A 231 6.52 18.77 -3.82
C THR A 231 7.11 20.16 -3.61
N PHE A 232 8.40 20.24 -3.30
CA PHE A 232 9.03 21.54 -3.10
C PHE A 232 9.15 22.29 -4.42
N MET A 233 9.70 21.65 -5.45
CA MET A 233 9.84 22.29 -6.75
C MET A 233 8.49 22.66 -7.33
N SER A 234 7.47 21.84 -7.09
CA SER A 234 6.11 22.19 -7.51
C SER A 234 5.66 23.49 -6.85
N GLY A 235 6.01 23.68 -5.57
CA GLY A 235 5.72 24.94 -4.93
C GLY A 235 6.60 26.07 -5.46
N GLU A 236 7.85 25.75 -5.81
CA GLU A 236 8.75 26.77 -6.36
C GLU A 236 8.25 27.26 -7.71
N VAL A 237 7.89 26.35 -8.60
CA VAL A 237 7.35 26.74 -9.90
C VAL A 237 6.00 27.42 -9.73
N GLY A 238 5.25 27.05 -8.70
CA GLY A 238 3.98 27.70 -8.44
C GLY A 238 4.15 29.14 -7.97
N ARG A 239 5.23 29.42 -7.24
CA ARG A 239 5.48 30.77 -6.77
C ARG A 239 6.06 31.64 -7.88
N ILE A 240 7.10 31.15 -8.56
CA ILE A 240 7.77 31.93 -9.60
C ILE A 240 6.79 32.27 -10.71
N THR A 241 6.20 31.25 -11.33
CA THR A 241 5.25 31.49 -12.41
C THR A 241 3.99 32.18 -11.90
N LYS A 242 3.51 31.78 -10.72
CA LYS A 242 2.26 32.30 -10.15
C LYS A 242 1.10 32.08 -11.09
N TRP A 243 1.07 30.91 -11.73
CA TRP A 243 -0.01 30.51 -12.62
C TRP A 243 -0.64 29.18 -12.20
N LYS A 244 0.18 28.17 -11.91
CA LYS A 244 -0.31 26.87 -11.46
C LYS A 244 0.84 26.07 -10.87
N TYR A 245 0.64 25.51 -9.70
CA TYR A 245 1.59 24.58 -9.09
C TYR A 245 1.65 23.31 -9.94
N PRO A 246 2.74 23.03 -10.64
CA PRO A 246 2.73 21.90 -11.58
C PRO A 246 3.28 20.60 -10.99
N PHE A 247 2.57 19.51 -11.23
CA PHE A 247 3.00 18.16 -10.88
C PHE A 247 2.90 17.27 -12.11
N PRO A 248 3.81 16.31 -12.25
CA PRO A 248 3.87 15.51 -13.48
C PRO A 248 2.72 14.51 -13.57
N LYS A 249 2.42 14.11 -14.81
CA LYS A 249 1.44 13.08 -15.06
C LYS A 249 2.05 11.70 -14.78
N GLU A 250 1.16 10.70 -14.70
CA GLU A 250 1.59 9.34 -14.35
C GLU A 250 2.69 8.85 -15.27
N THR A 251 2.55 9.09 -16.58
CA THR A 251 3.51 8.56 -17.54
C THR A 251 4.84 9.30 -17.46
N GLU A 252 4.79 10.63 -17.34
CA GLU A 252 6.01 11.43 -17.31
C GLU A 252 6.95 10.98 -16.20
N ALA A 253 6.42 10.82 -14.99
CA ALA A 253 7.24 10.36 -13.87
C ALA A 253 7.79 8.97 -14.14
N LYS A 254 6.95 8.08 -14.67
CA LYS A 254 7.38 6.72 -14.95
C LYS A 254 8.57 6.70 -15.91
N SER A 255 8.50 7.50 -16.98
CA SER A 255 9.60 7.57 -17.92
C SER A 255 10.80 8.28 -17.30
N LYS A 256 10.56 9.38 -16.58
CA LYS A 256 11.66 10.20 -16.07
C LYS A 256 12.36 9.56 -14.89
N LEU A 257 11.60 8.96 -13.97
CA LEU A 257 12.13 8.44 -12.73
C LEU A 257 12.45 6.95 -12.84
N THR A 258 13.57 6.54 -12.23
CA THR A 258 14.10 5.19 -12.24
C THR A 258 13.32 4.30 -11.27
N PRO A 259 13.04 3.05 -11.66
CA PRO A 259 12.31 2.15 -10.76
C PRO A 259 13.21 1.54 -9.70
N THR A 260 12.60 1.22 -8.57
CA THR A 260 13.34 0.65 -7.46
C THR A 260 12.37 -0.14 -6.58
N LEU A 261 12.88 -1.22 -5.99
CA LEU A 261 12.10 -2.06 -5.08
C LEU A 261 12.40 -1.59 -3.66
N TYR A 262 11.45 -0.89 -3.06
CA TYR A 262 11.65 -0.33 -1.72
C TYR A 262 11.41 -1.40 -0.66
N VAL A 263 12.35 -1.50 0.29
CA VAL A 263 12.18 -2.31 1.49
C VAL A 263 12.00 -1.36 2.66
N GLY A 264 11.11 -1.72 3.59
CA GLY A 264 10.88 -0.93 4.78
C GLY A 264 10.65 -1.79 6.00
N LYS A 265 10.30 -1.16 7.12
CA LYS A 265 10.01 -1.88 8.34
C LYS A 265 8.80 -1.26 9.03
N TYR A 266 8.17 -2.04 9.89
CA TYR A 266 7.02 -1.54 10.64
C TYR A 266 6.87 -2.40 11.89
N SER A 267 7.24 -1.85 13.05
CA SER A 267 7.12 -2.51 14.34
C SER A 267 7.73 -3.91 14.28
N THR A 268 9.03 -3.95 13.95
CA THR A 268 9.79 -5.20 13.85
C THR A 268 9.19 -6.14 12.81
N SER A 269 8.77 -5.59 11.66
CA SER A 269 8.25 -6.38 10.56
C SER A 269 8.73 -5.76 9.26
N LEU A 270 9.47 -6.54 8.47
CA LEU A 270 10.07 -6.06 7.23
C LEU A 270 9.15 -6.34 6.05
N TYR A 271 8.96 -5.34 5.20
CA TYR A 271 8.10 -5.44 4.03
C TYR A 271 8.80 -4.82 2.83
N ALA A 272 8.27 -5.08 1.64
CA ALA A 272 8.84 -4.58 0.40
C ALA A 272 7.72 -4.05 -0.49
N SER A 273 8.11 -3.26 -1.49
CA SER A 273 7.14 -2.59 -2.36
C SER A 273 7.89 -1.98 -3.54
N PRO A 274 7.20 -1.78 -4.66
CA PRO A 274 7.80 -1.01 -5.76
C PRO A 274 7.84 0.48 -5.45
N SER A 275 8.73 1.19 -6.13
CA SER A 275 9.00 2.59 -5.81
C SER A 275 9.84 3.22 -6.92
N MET A 276 9.80 4.55 -6.98
CA MET A 276 10.55 5.32 -7.98
C MET A 276 11.49 6.28 -7.28
N VAL A 277 12.74 6.33 -7.74
CA VAL A 277 13.77 7.20 -7.18
C VAL A 277 14.26 8.21 -8.21
N HIS A 278 14.67 9.38 -7.73
CA HIS A 278 15.27 10.39 -8.58
C HIS A 278 16.79 10.32 -8.48
N GLU A 279 17.45 11.10 -9.34
CA GLU A 279 18.91 11.13 -9.35
C GLU A 279 19.44 11.61 -8.02
N GLY A 280 20.49 10.95 -7.53
CA GLY A 280 21.03 11.25 -6.22
C GLY A 280 20.45 10.42 -5.10
N VAL A 281 20.02 9.18 -5.39
CA VAL A 281 19.43 8.30 -4.40
C VAL A 281 20.02 6.91 -4.60
N ALA A 282 20.51 6.32 -3.52
CA ALA A 282 21.14 5.01 -3.60
C ALA A 282 20.09 3.92 -3.85
N VAL A 283 20.43 2.97 -4.72
CA VAL A 283 19.57 1.84 -5.08
C VAL A 283 20.44 0.62 -5.32
N VAL A 284 20.23 -0.42 -4.52
CA VAL A 284 21.15 -1.57 -4.49
C VAL A 284 20.90 -2.42 -5.73
N PRO A 285 21.94 -3.02 -6.33
CA PRO A 285 21.69 -3.93 -7.47
C PRO A 285 21.03 -5.24 -7.07
N ARG A 333 20.91 -8.95 13.76
CA ARG A 333 20.55 -8.75 12.36
C ARG A 333 20.64 -7.28 11.97
N ASN A 334 21.24 -7.02 10.80
CA ASN A 334 21.36 -5.66 10.29
C ASN A 334 20.09 -5.30 9.50
N TYR A 335 19.00 -5.14 10.26
CA TYR A 335 17.72 -4.67 9.73
C TYR A 335 17.89 -3.53 8.74
N TRP A 336 18.55 -2.47 9.21
CA TRP A 336 18.56 -1.17 8.53
C TRP A 336 19.21 -1.26 7.15
N LEU A 337 20.24 -2.09 7.00
CA LEU A 337 20.99 -2.13 5.74
C LEU A 337 20.07 -2.49 4.57
N LEU A 338 19.33 -3.59 4.70
CA LEU A 338 18.40 -4.01 3.66
C LEU A 338 17.28 -3.01 3.45
N ILE A 339 16.98 -2.18 4.46
CA ILE A 339 15.95 -1.16 4.33
C ILE A 339 16.37 -0.14 3.28
N GLY A 340 15.45 0.23 2.41
CA GLY A 340 15.72 1.21 1.37
C GLY A 340 15.41 0.65 0.00
N HIS A 341 15.90 1.33 -1.02
CA HIS A 341 15.50 0.99 -2.38
C HIS A 341 16.53 0.04 -3.00
N HIS A 342 16.02 -0.90 -3.79
CA HIS A 342 16.85 -1.90 -4.47
C HIS A 342 16.45 -1.94 -5.94
N GLU A 343 17.32 -2.52 -6.75
CA GLU A 343 17.09 -2.61 -8.19
C GLU A 343 15.95 -3.58 -8.48
N THR A 344 15.07 -3.20 -9.40
CA THR A 344 13.89 -4.00 -9.71
C THR A 344 14.30 -5.37 -10.23
N PRO A 345 13.95 -6.47 -9.53
CA PRO A 345 14.33 -7.84 -9.88
C PRO A 345 13.81 -8.27 -11.24
#